data_3BEV
#
_entry.id   3BEV
#
_cell.length_a   71.306
_cell.length_b   72.199
_cell.length_c   72.711
_cell.angle_alpha   90.000
_cell.angle_beta   90.000
_cell.angle_gamma   90.000
#
_symmetry.space_group_name_H-M   'P 21 21 21'
#
loop_
_entity.id
_entity.type
_entity.pdbx_description
1 polymer 'Major histocompatibility complex class I glycoprotein haplotype B21'
2 polymer Beta-2-microglobulin
3 polymer 'Hemoglobin subunit alpha-A'
4 water water
#
loop_
_entity_poly.entity_id
_entity_poly.type
_entity_poly.pdbx_seq_one_letter_code
_entity_poly.pdbx_strand_id
1 'polypeptide(L)'
;ELHTLRYIRTAMTDPGPGLPWFVDVGYVDGELFMHYNSTARRAVPRTEWIAANTDQQYWDRETQIVQGSEQINRENLDIL
RRRYNQTGGSHTVQWMSGCDILEDGTIRGYHQAAYDGRDFVAFDKGTMTLTAAVPEAVPTKRKWEEGGYAEGLKQYLEET
CVEWLRRYVEYGKAELGRRERPEVRVWGKEADGILTLSCRAHGFYPRPIVVSWLKDGAVRGQDAQSGGIVPNGDGTYHTW
VTIDAQPGDGDKYQCRVEHASLPQPGLYSWRSGG
;
A
2 'polypeptide(L)'
;MDLTPKVQVYSRFPASAGTKNVLNCFAAGFHPPKISITLMKDGVPMEGAQYSDMSFNDDWTFQRLVHADFTPSSGSTYAC
KVEHETLKEPQVYKWDPEF
;
B
3 'polypeptide(L)' GHAEEYGAETL C
#
# COMPACT_ATOMS: atom_id res chain seq x y z
N GLU A 1 -2.10 -22.07 6.39
CA GLU A 1 -1.21 -21.27 5.49
C GLU A 1 -0.41 -20.28 6.36
N LEU A 2 -0.20 -19.06 5.88
CA LEU A 2 0.51 -18.01 6.58
C LEU A 2 -0.42 -16.83 6.59
N HIS A 3 -0.52 -16.29 7.80
CA HIS A 3 -1.34 -15.13 8.09
C HIS A 3 -0.44 -14.11 8.78
N THR A 4 -0.74 -12.86 8.47
CA THR A 4 -0.02 -11.69 8.98
C THR A 4 -1.00 -10.69 9.56
N LEU A 5 -0.58 -10.09 10.68
CA LEU A 5 -1.30 -8.99 11.33
C LEU A 5 -0.32 -7.83 11.35
N ARG A 6 -0.76 -6.70 10.80
CA ARG A 6 0.07 -5.49 10.69
C ARG A 6 -0.64 -4.21 11.10
N TYR A 7 0.01 -3.45 11.98
CA TYR A 7 -0.45 -2.11 12.36
C TYR A 7 0.65 -1.14 11.96
N ILE A 8 0.28 -0.18 11.11
CA ILE A 8 1.20 0.86 10.65
C ILE A 8 0.63 2.22 11.09
N ARG A 9 1.50 3.09 11.58
CA ARG A 9 1.15 4.42 12.08
C ARG A 9 2.18 5.44 11.62
N THR A 10 1.69 6.63 11.29
CA THR A 10 2.53 7.76 10.86
C THR A 10 2.08 9.01 11.60
N ALA A 11 3.06 9.71 12.17
CA ALA A 11 2.89 11.02 12.79
C ALA A 11 3.74 11.94 11.92
N MET A 12 3.11 12.96 11.36
CA MET A 12 3.76 13.91 10.45
C MET A 12 3.52 15.38 10.82
N THR A 13 4.56 16.17 10.65
CA THR A 13 4.54 17.61 10.89
C THR A 13 3.78 18.34 9.77
N ASP A 14 3.79 17.75 8.58
CA ASP A 14 3.23 18.32 7.36
C ASP A 14 2.50 17.27 6.47
N PRO A 15 1.24 16.88 6.83
CA PRO A 15 0.44 15.88 6.08
C PRO A 15 -0.07 16.12 4.63
N GLY A 16 -0.57 17.24 4.10
CA GLY A 16 -0.80 18.56 4.64
C GLY A 16 -2.23 19.09 4.60
N PRO A 17 -2.56 20.00 3.64
CA PRO A 17 -3.87 20.71 3.53
C PRO A 17 -5.12 19.85 3.71
N GLY A 18 -5.80 20.08 4.83
CA GLY A 18 -7.01 19.38 5.24
C GLY A 18 -6.89 17.88 5.49
N LEU A 19 -5.66 17.42 5.70
CA LEU A 19 -5.32 16.02 5.98
C LEU A 19 -4.84 15.83 7.43
N PRO A 20 -5.23 14.71 8.09
CA PRO A 20 -4.79 14.43 9.47
C PRO A 20 -3.28 14.21 9.61
N TRP A 21 -2.70 14.77 10.68
CA TRP A 21 -1.25 14.67 10.98
C TRP A 21 -0.85 13.28 11.51
N PHE A 22 -1.81 12.53 12.06
CA PHE A 22 -1.59 11.19 12.58
C PHE A 22 -2.62 10.23 12.00
N VAL A 23 -2.12 9.12 11.46
CA VAL A 23 -2.97 8.06 10.88
C VAL A 23 -2.43 6.70 11.29
N ASP A 24 -3.36 5.82 11.65
CA ASP A 24 -3.11 4.43 12.05
C ASP A 24 -4.07 3.58 11.22
N VAL A 25 -3.52 2.50 10.66
CA VAL A 25 -4.27 1.54 9.84
C VAL A 25 -3.81 0.11 10.11
N GLY A 26 -4.77 -0.79 10.14
CA GLY A 26 -4.56 -2.22 10.40
C GLY A 26 -4.76 -3.12 9.20
N TYR A 27 -3.94 -4.16 9.11
CA TYR A 27 -3.95 -5.13 8.00
C TYR A 27 -3.92 -6.59 8.43
N VAL A 28 -4.84 -7.38 7.86
CA VAL A 28 -4.91 -8.84 8.02
C VAL A 28 -4.71 -9.40 6.62
N ASP A 29 -3.62 -10.17 6.44
CA ASP A 29 -3.16 -10.83 5.20
C ASP A 29 -2.98 -9.85 4.03
N GLY A 30 -2.59 -8.63 4.39
CA GLY A 30 -2.40 -7.51 3.48
C GLY A 30 -3.66 -6.69 3.22
N GLU A 31 -4.79 -7.08 3.82
CA GLU A 31 -6.07 -6.40 3.64
C GLU A 31 -6.43 -5.48 4.81
N LEU A 32 -6.70 -4.23 4.45
CA LEU A 32 -7.10 -3.15 5.35
C LEU A 32 -8.41 -3.50 6.06
N PHE A 33 -8.41 -3.44 7.39
CA PHE A 33 -9.61 -3.76 8.21
C PHE A 33 -9.94 -2.72 9.29
N MET A 34 -8.96 -1.89 9.68
CA MET A 34 -9.21 -0.82 10.65
C MET A 34 -8.44 0.46 10.27
N HIS A 35 -8.98 1.57 10.73
CA HIS A 35 -8.44 2.92 10.52
C HIS A 35 -8.70 3.80 11.73
N TYR A 36 -7.75 4.69 11.97
CA TYR A 36 -7.78 5.76 12.96
C TYR A 36 -7.05 6.95 12.37
N ASN A 37 -7.62 8.14 12.55
CA ASN A 37 -6.91 9.39 12.24
C ASN A 37 -7.12 10.40 13.39
N SER A 38 -6.21 11.37 13.48
CA SER A 38 -6.21 12.43 14.49
C SER A 38 -7.36 13.47 14.41
N THR A 39 -8.14 13.48 13.32
CA THR A 39 -9.26 14.41 13.14
C THR A 39 -10.52 13.79 13.78
N ALA A 40 -10.86 12.56 13.39
CA ALA A 40 -11.99 11.81 13.93
C ALA A 40 -11.76 11.39 15.38
N ARG A 41 -10.52 10.94 15.66
CA ARG A 41 -10.00 10.44 16.94
C ARG A 41 -10.74 9.15 17.37
N ARG A 42 -11.18 8.37 16.40
CA ARG A 42 -11.89 7.10 16.63
C ARG A 42 -11.37 5.99 15.72
N ALA A 43 -11.22 4.81 16.31
CA ALA A 43 -10.84 3.57 15.60
C ALA A 43 -12.13 3.10 14.93
N VAL A 44 -12.03 2.78 13.64
CA VAL A 44 -13.16 2.46 12.75
C VAL A 44 -13.02 1.19 11.89
N PRO A 45 -14.13 0.43 11.66
CA PRO A 45 -14.03 -0.77 10.81
C PRO A 45 -13.91 -0.42 9.33
N ARG A 46 -13.09 -1.18 8.61
CA ARG A 46 -12.89 -0.96 7.15
C ARG A 46 -13.33 -2.13 6.25
N THR A 47 -13.70 -3.26 6.87
CA THR A 47 -14.27 -4.44 6.19
C THR A 47 -15.55 -4.86 6.90
N GLU A 48 -16.43 -5.55 6.16
CA GLU A 48 -17.70 -6.09 6.65
C GLU A 48 -17.44 -7.18 7.69
N TRP A 49 -16.44 -8.04 7.46
CA TRP A 49 -16.13 -9.17 8.34
C TRP A 49 -15.63 -8.78 9.74
N ILE A 50 -14.96 -7.64 9.90
CA ILE A 50 -14.49 -7.19 11.23
C ILE A 50 -15.66 -6.58 12.01
N ALA A 51 -16.48 -5.76 11.34
CA ALA A 51 -17.73 -5.22 11.89
C ALA A 51 -18.69 -6.41 11.98
N ALA A 52 -19.65 -6.38 12.90
CA ALA A 52 -20.63 -7.48 13.15
C ALA A 52 -20.02 -8.83 13.64
N ASN A 53 -18.72 -8.80 13.90
CA ASN A 53 -17.90 -9.84 14.54
C ASN A 53 -17.19 -9.25 15.76
N THR A 54 -17.41 -7.94 15.95
CA THR A 54 -16.90 -7.11 17.03
C THR A 54 -18.02 -6.18 17.51
N ASP A 55 -18.05 -6.00 18.83
CA ASP A 55 -19.00 -5.14 19.55
C ASP A 55 -18.41 -3.75 19.78
N GLN A 56 -19.18 -2.86 20.40
CA GLN A 56 -18.75 -1.48 20.74
C GLN A 56 -17.53 -1.37 21.64
N GLN A 57 -17.38 -2.28 22.61
CA GLN A 57 -16.25 -2.30 23.56
C GLN A 57 -14.91 -2.61 22.87
N TYR A 58 -14.94 -3.33 21.76
CA TYR A 58 -13.76 -3.63 20.95
C TYR A 58 -13.21 -2.31 20.38
N TRP A 59 -14.09 -1.56 19.70
CA TRP A 59 -13.75 -0.28 19.05
C TRP A 59 -13.43 0.82 20.07
N ASP A 60 -14.06 0.77 21.25
CA ASP A 60 -13.80 1.70 22.36
C ASP A 60 -12.38 1.48 22.93
N ARG A 61 -11.98 0.21 23.08
CA ARG A 61 -10.67 -0.19 23.57
C ARG A 61 -9.59 0.17 22.55
N GLU A 62 -9.88 -0.04 21.26
CA GLU A 62 -8.99 0.30 20.14
C GLU A 62 -8.79 1.81 20.02
N THR A 63 -9.87 2.57 20.18
CA THR A 63 -9.88 4.04 20.14
C THR A 63 -8.95 4.60 21.23
N GLN A 64 -9.10 4.14 22.47
CA GLN A 64 -8.31 4.55 23.64
C GLN A 64 -6.81 4.28 23.45
N ILE A 65 -6.46 3.09 22.98
CA ILE A 65 -5.06 2.70 22.73
C ILE A 65 -4.42 3.60 21.65
N VAL A 66 -5.11 3.80 20.52
CA VAL A 66 -4.59 4.59 19.38
C VAL A 66 -4.56 6.09 19.77
N GLN A 67 -5.48 6.55 20.62
CA GLN A 67 -5.42 7.92 21.17
C GLN A 67 -4.13 8.10 22.00
N GLY A 68 -3.75 7.05 22.72
CA GLY A 68 -2.52 6.99 23.50
C GLY A 68 -1.32 7.02 22.55
N SER A 69 -1.36 6.20 21.49
CA SER A 69 -0.33 6.14 20.44
C SER A 69 -0.10 7.50 19.76
N GLU A 70 -1.22 8.15 19.42
CA GLU A 70 -1.24 9.49 18.81
C GLU A 70 -0.46 10.50 19.64
N GLN A 71 -0.75 10.55 20.94
CA GLN A 71 -0.14 11.51 21.86
C GLN A 71 1.35 11.26 22.10
N ILE A 72 1.76 10.00 22.16
CA ILE A 72 3.16 9.59 22.32
C ILE A 72 3.97 10.04 21.10
N ASN A 73 3.43 9.77 19.91
CA ASN A 73 4.08 10.13 18.64
C ASN A 73 4.10 11.64 18.36
N ARG A 74 3.14 12.39 18.93
CA ARG A 74 3.13 13.85 18.90
C ARG A 74 4.38 14.33 19.65
N GLU A 75 4.57 13.81 20.86
CA GLU A 75 5.73 14.06 21.73
C GLU A 75 7.03 13.58 21.05
N ASN A 76 7.00 12.41 20.43
CA ASN A 76 8.15 11.82 19.70
C ASN A 76 8.73 12.77 18.64
N LEU A 77 7.84 13.44 17.90
CA LEU A 77 8.21 14.44 16.88
C LEU A 77 9.01 15.58 17.50
N ASP A 78 8.58 16.09 18.65
CA ASP A 78 9.26 17.15 19.41
C ASP A 78 10.61 16.66 19.95
N ILE A 79 10.63 15.47 20.57
CA ILE A 79 11.83 14.83 21.14
C ILE A 79 12.94 14.64 20.10
N LEU A 80 12.57 14.07 18.95
CA LEU A 80 13.56 13.77 17.91
C LEU A 80 14.04 15.01 17.16
N ARG A 81 13.18 16.01 16.96
CA ARG A 81 13.58 17.27 16.34
C ARG A 81 14.70 17.91 17.19
N ARG A 82 14.47 18.00 18.50
CA ARG A 82 15.42 18.54 19.49
C ARG A 82 16.73 17.73 19.55
N ARG A 83 16.62 16.40 19.55
CA ARG A 83 17.78 15.49 19.60
C ARG A 83 18.66 15.56 18.35
N TYR A 84 18.03 15.75 17.20
CA TYR A 84 18.72 15.90 15.91
C TYR A 84 19.19 17.34 15.63
N ASN A 85 18.88 18.28 16.53
CA ASN A 85 19.21 19.72 16.48
C ASN A 85 18.62 20.38 15.22
N GLN A 86 17.44 19.90 14.82
CA GLN A 86 16.72 20.38 13.65
C GLN A 86 15.89 21.60 13.98
N THR A 87 15.81 22.51 13.00
CA THR A 87 15.04 23.75 13.06
C THR A 87 14.02 23.61 11.94
N GLY A 88 12.77 23.42 12.35
CA GLY A 88 11.64 23.22 11.45
C GLY A 88 11.83 22.06 10.49
N GLY A 89 11.29 22.24 9.28
CA GLY A 89 11.32 21.24 8.22
C GLY A 89 10.22 20.22 8.41
N SER A 90 10.13 19.35 7.42
CA SER A 90 9.16 18.26 7.33
C SER A 90 9.77 17.03 8.01
N HIS A 91 9.04 16.49 8.97
CA HIS A 91 9.46 15.31 9.74
C HIS A 91 8.34 14.30 9.98
N THR A 92 8.76 13.03 10.11
CA THR A 92 7.88 11.87 10.31
C THR A 92 8.40 10.82 11.28
N VAL A 93 7.46 10.24 12.01
CA VAL A 93 7.69 9.13 12.92
C VAL A 93 6.75 8.07 12.38
N GLN A 94 7.34 6.92 12.07
CA GLN A 94 6.62 5.75 11.58
C GLN A 94 6.82 4.56 12.49
N TRP A 95 5.75 3.80 12.69
CA TRP A 95 5.77 2.55 13.44
C TRP A 95 5.14 1.46 12.61
N MET A 96 5.70 0.27 12.76
CA MET A 96 5.16 -0.95 12.18
C MET A 96 5.38 -1.99 13.26
N SER A 97 4.28 -2.67 13.57
CA SER A 97 4.24 -3.76 14.54
C SER A 97 3.20 -4.79 14.11
N GLY A 98 3.39 -6.00 14.62
CA GLY A 98 2.51 -7.12 14.37
C GLY A 98 3.25 -8.44 14.42
N CYS A 99 2.57 -9.46 13.91
CA CYS A 99 3.07 -10.85 13.91
C CYS A 99 2.75 -11.67 12.66
N ASP A 100 3.58 -12.70 12.43
CA ASP A 100 3.44 -13.69 11.35
C ASP A 100 3.26 -15.09 11.93
N ILE A 101 2.29 -15.82 11.40
CA ILE A 101 2.05 -17.23 11.77
C ILE A 101 2.56 -18.03 10.55
N LEU A 102 3.85 -18.37 10.58
CA LEU A 102 4.55 -19.07 9.50
C LEU A 102 4.07 -20.51 9.31
N GLU A 103 4.14 -20.99 8.07
CA GLU A 103 3.73 -22.35 7.60
C GLU A 103 4.32 -23.52 8.40
N ASP A 104 5.53 -23.29 8.90
CA ASP A 104 6.31 -24.16 9.78
C ASP A 104 5.62 -24.36 11.15
N GLY A 105 4.86 -23.35 11.58
CA GLY A 105 4.16 -23.29 12.87
C GLY A 105 4.73 -22.17 13.74
N THR A 106 5.99 -21.85 13.44
CA THR A 106 6.85 -20.81 14.05
C THR A 106 6.20 -19.42 13.94
N ILE A 107 6.53 -18.56 14.91
CA ILE A 107 6.02 -17.19 15.07
C ILE A 107 7.11 -16.14 14.89
N ARG A 108 6.76 -15.11 14.12
CA ARG A 108 7.60 -13.92 13.89
C ARG A 108 6.89 -12.71 14.50
N GLY A 109 7.66 -11.87 15.17
CA GLY A 109 7.18 -10.66 15.83
C GLY A 109 8.02 -9.47 15.42
N TYR A 110 7.34 -8.33 15.24
CA TYR A 110 7.98 -7.07 14.84
C TYR A 110 7.41 -5.89 15.61
N HIS A 111 8.28 -4.96 15.99
CA HIS A 111 7.95 -3.69 16.67
C HIS A 111 9.16 -2.85 16.34
N GLN A 112 8.96 -1.94 15.39
CA GLN A 112 10.03 -1.08 14.88
C GLN A 112 9.56 0.28 14.37
N ALA A 113 10.47 1.25 14.51
CA ALA A 113 10.25 2.64 14.12
C ALA A 113 11.25 3.19 13.11
N ALA A 114 10.77 4.19 12.38
CA ALA A 114 11.57 4.99 11.47
C ALA A 114 11.40 6.47 11.78
N TYR A 115 12.49 7.23 11.65
CA TYR A 115 12.46 8.69 11.77
C TYR A 115 12.92 9.21 10.42
N ASP A 116 12.09 10.06 9.82
CA ASP A 116 12.26 10.64 8.47
C ASP A 116 12.55 9.58 7.39
N GLY A 117 11.79 8.49 7.46
CA GLY A 117 11.88 7.36 6.55
C GLY A 117 13.09 6.44 6.60
N ARG A 118 13.90 6.57 7.65
CA ARG A 118 15.10 5.76 7.87
C ARG A 118 14.93 5.00 9.19
N ASP A 119 15.32 3.72 9.20
CA ASP A 119 15.30 2.86 10.39
C ASP A 119 15.86 3.59 11.60
N PHE A 120 15.10 3.55 12.69
CA PHE A 120 15.46 4.25 13.92
C PHE A 120 15.72 3.22 15.01
N VAL A 121 14.70 2.45 15.37
CA VAL A 121 14.78 1.37 16.37
C VAL A 121 13.99 0.13 15.94
N ALA A 122 14.36 -1.02 16.49
CA ALA A 122 13.70 -2.30 16.25
C ALA A 122 13.85 -3.16 17.49
N PHE A 123 12.75 -3.79 17.88
CA PHE A 123 12.72 -4.71 19.01
C PHE A 123 13.25 -6.06 18.55
N ASP A 124 14.20 -6.56 19.34
CA ASP A 124 14.81 -7.88 19.16
C ASP A 124 14.27 -8.69 20.33
N LYS A 125 13.17 -9.40 20.06
CA LYS A 125 12.47 -10.25 21.04
C LYS A 125 13.31 -11.46 21.49
N GLY A 126 14.35 -11.79 20.72
CA GLY A 126 15.31 -12.85 21.02
C GLY A 126 16.15 -12.50 22.24
N THR A 127 16.75 -11.30 22.24
CA THR A 127 17.63 -10.84 23.33
C THR A 127 16.97 -9.90 24.38
N MET A 128 15.71 -9.53 24.15
CA MET A 128 14.83 -8.67 24.99
C MET A 128 15.30 -7.21 25.14
N THR A 129 15.90 -6.70 24.06
CA THR A 129 16.44 -5.35 23.96
C THR A 129 15.90 -4.62 22.73
N LEU A 130 16.05 -3.30 22.72
CA LEU A 130 15.66 -2.46 21.59
C LEU A 130 16.96 -2.12 20.87
N THR A 131 17.08 -2.52 19.60
CA THR A 131 18.26 -2.26 18.78
C THR A 131 18.21 -0.84 18.21
N ALA A 132 19.31 -0.10 18.38
CA ALA A 132 19.49 1.25 17.86
C ALA A 132 20.14 1.17 16.47
N ALA A 133 19.38 1.55 15.45
CA ALA A 133 19.83 1.55 14.05
C ALA A 133 20.75 2.72 13.69
N VAL A 134 20.70 3.78 14.50
CA VAL A 134 21.44 5.04 14.35
C VAL A 134 21.96 5.54 15.70
N PRO A 135 23.06 6.35 15.76
CA PRO A 135 23.52 6.88 17.05
C PRO A 135 22.48 7.70 17.85
N GLU A 136 21.58 8.40 17.15
CA GLU A 136 20.53 9.22 17.77
C GLU A 136 19.45 8.38 18.47
N ALA A 137 19.43 7.08 18.20
CA ALA A 137 18.53 6.09 18.79
C ALA A 137 19.05 5.45 20.10
N VAL A 138 20.28 5.79 20.48
CA VAL A 138 20.92 5.31 21.75
C VAL A 138 20.20 5.89 22.99
N PRO A 139 19.88 7.22 23.07
CA PRO A 139 19.07 7.67 24.23
C PRO A 139 17.68 7.03 24.34
N THR A 140 17.08 6.69 23.18
CA THR A 140 15.80 6.00 23.04
C THR A 140 15.92 4.62 23.69
N LYS A 141 16.94 3.87 23.29
CA LYS A 141 17.29 2.54 23.78
C LYS A 141 17.31 2.53 25.32
N ARG A 142 18.09 3.44 25.91
CA ARG A 142 18.28 3.58 27.37
C ARG A 142 17.00 3.90 28.15
N LYS A 143 16.14 4.78 27.61
CA LYS A 143 14.86 5.16 28.21
C LYS A 143 13.82 4.02 28.13
N TRP A 144 13.74 3.39 26.95
CA TRP A 144 12.81 2.31 26.64
C TRP A 144 13.09 1.05 27.47
N GLU A 145 14.36 0.68 27.57
CA GLU A 145 14.83 -0.46 28.37
C GLU A 145 14.58 -0.24 29.87
N GLU A 146 14.82 0.98 30.36
CA GLU A 146 14.55 1.38 31.75
C GLU A 146 13.04 1.39 32.05
N GLY A 147 12.24 1.64 31.00
CA GLY A 147 10.78 1.64 31.03
C GLY A 147 10.12 0.29 31.18
N GLY A 148 10.91 -0.79 31.10
CA GLY A 148 10.50 -2.18 31.23
C GLY A 148 9.46 -2.72 30.28
N TYR A 149 9.44 -2.20 29.04
CA TYR A 149 8.47 -2.58 28.00
C TYR A 149 8.68 -3.96 27.33
N ALA A 150 9.91 -4.46 27.35
CA ALA A 150 10.30 -5.75 26.72
C ALA A 150 9.39 -6.94 27.04
N GLU A 151 9.14 -7.19 28.33
CA GLU A 151 8.32 -8.30 28.87
C GLU A 151 6.91 -8.34 28.27
N GLY A 152 6.18 -7.23 28.38
CA GLY A 152 4.83 -7.06 27.83
C GLY A 152 4.79 -7.13 26.32
N LEU A 153 5.84 -6.64 25.66
CA LEU A 153 5.94 -6.67 24.20
C LEU A 153 6.22 -8.08 23.67
N LYS A 154 7.14 -8.82 24.30
CA LYS A 154 7.43 -10.22 23.96
C LYS A 154 6.11 -11.02 24.02
N GLN A 155 5.38 -10.85 25.13
CA GLN A 155 4.07 -11.43 25.43
C GLN A 155 3.06 -11.08 24.33
N TYR A 156 2.99 -9.79 23.97
CA TYR A 156 2.08 -9.33 22.92
C TYR A 156 2.38 -9.95 21.55
N LEU A 157 3.65 -9.95 21.14
CA LEU A 157 4.08 -10.44 19.82
C LEU A 157 3.94 -11.96 19.67
N GLU A 158 4.46 -12.70 20.65
CA GLU A 158 4.39 -14.17 20.66
C GLU A 158 3.00 -14.71 21.00
N GLU A 159 2.18 -14.00 21.77
CA GLU A 159 0.87 -14.56 22.19
C GLU A 159 -0.41 -13.80 21.86
N THR A 160 -0.58 -12.56 22.34
CA THR A 160 -1.82 -11.77 22.15
C THR A 160 -2.09 -11.42 20.68
N CYS A 161 -1.04 -11.04 19.94
CA CYS A 161 -1.10 -10.71 18.51
C CYS A 161 -1.56 -11.94 17.72
N VAL A 162 -0.92 -13.09 17.98
CA VAL A 162 -1.19 -14.42 17.38
C VAL A 162 -2.65 -14.79 17.61
N GLU A 163 -3.11 -14.74 18.86
CA GLU A 163 -4.50 -15.00 19.27
C GLU A 163 -5.49 -14.08 18.55
N TRP A 164 -5.17 -12.79 18.45
CA TRP A 164 -5.97 -11.80 17.73
C TRP A 164 -6.03 -12.13 16.23
N LEU A 165 -4.88 -12.49 15.67
CA LEU A 165 -4.75 -12.87 14.25
C LEU A 165 -5.62 -14.09 13.93
N ARG A 166 -5.63 -15.10 14.81
CA ARG A 166 -6.48 -16.31 14.66
C ARG A 166 -7.97 -15.94 14.61
N ARG A 167 -8.41 -15.03 15.49
CA ARG A 167 -9.76 -14.48 15.58
C ARG A 167 -10.20 -13.83 14.26
N TYR A 168 -9.38 -12.90 13.76
CA TYR A 168 -9.61 -12.11 12.53
C TYR A 168 -9.68 -12.93 11.25
N VAL A 169 -8.75 -13.90 11.14
CA VAL A 169 -8.64 -14.86 10.03
C VAL A 169 -9.94 -15.67 9.97
N GLU A 170 -10.42 -16.12 11.13
CA GLU A 170 -11.69 -16.83 11.29
C GLU A 170 -12.89 -15.98 10.85
N TYR A 171 -12.95 -14.71 11.26
CA TYR A 171 -14.04 -13.79 10.91
C TYR A 171 -14.08 -13.45 9.42
N GLY A 172 -12.90 -13.39 8.80
CA GLY A 172 -12.73 -13.08 7.38
C GLY A 172 -12.22 -14.14 6.42
N LYS A 173 -12.24 -15.41 6.81
CA LYS A 173 -11.78 -16.57 6.00
C LYS A 173 -12.41 -16.64 4.59
N ALA A 174 -13.68 -16.26 4.51
CA ALA A 174 -14.48 -16.24 3.28
C ALA A 174 -14.00 -15.17 2.32
N GLU A 175 -13.75 -13.96 2.84
CA GLU A 175 -13.28 -12.80 2.04
C GLU A 175 -11.80 -12.92 1.71
N LEU A 176 -10.97 -13.29 2.68
CA LEU A 176 -9.53 -13.49 2.53
C LEU A 176 -9.22 -14.67 1.59
N GLY A 177 -10.08 -15.69 1.63
CA GLY A 177 -9.97 -16.90 0.81
C GLY A 177 -10.70 -16.92 -0.52
N ARG A 178 -11.41 -15.83 -0.85
CA ARG A 178 -12.16 -15.67 -2.09
C ARG A 178 -11.23 -15.58 -3.32
N ARG A 179 -11.80 -15.79 -4.50
CA ARG A 179 -11.10 -15.67 -5.78
C ARG A 179 -11.91 -14.76 -6.72
N GLU A 180 -11.19 -13.77 -7.27
CA GLU A 180 -11.69 -12.79 -8.22
C GLU A 180 -10.87 -12.95 -9.49
N ARG A 181 -11.56 -13.22 -10.59
CA ARG A 181 -10.93 -13.39 -11.91
C ARG A 181 -10.55 -12.06 -12.55
N PRO A 182 -9.29 -11.91 -13.02
CA PRO A 182 -9.00 -10.69 -13.76
C PRO A 182 -9.52 -10.70 -15.20
N GLU A 183 -9.87 -9.49 -15.65
CA GLU A 183 -10.22 -9.21 -17.04
C GLU A 183 -8.89 -8.75 -17.60
N VAL A 184 -8.48 -9.36 -18.70
CA VAL A 184 -7.16 -9.09 -19.28
C VAL A 184 -7.27 -8.42 -20.65
N ARG A 185 -6.41 -7.42 -20.85
CA ARG A 185 -6.30 -6.76 -22.14
C ARG A 185 -4.83 -6.65 -22.55
N VAL A 186 -4.61 -7.05 -23.81
CA VAL A 186 -3.30 -6.94 -24.47
C VAL A 186 -3.48 -5.76 -25.44
N TRP A 187 -2.56 -4.80 -25.32
CA TRP A 187 -2.57 -3.60 -26.16
C TRP A 187 -1.16 -3.37 -26.71
N GLY A 188 -1.02 -2.45 -27.66
CA GLY A 188 0.25 -2.10 -28.29
C GLY A 188 0.29 -0.66 -28.74
N LYS A 189 1.50 -0.10 -28.78
CA LYS A 189 1.70 1.29 -29.21
C LYS A 189 3.06 1.59 -29.88
N GLU A 190 2.97 2.43 -30.93
CA GLU A 190 3.98 3.17 -31.76
C GLU A 190 3.99 2.81 -33.28
N ALA A 191 5.13 2.46 -33.89
CA ALA A 191 5.33 2.22 -35.33
C ALA A 191 4.42 1.10 -35.83
N ASP A 192 3.30 1.55 -36.41
CA ASP A 192 2.13 0.75 -36.86
C ASP A 192 1.33 0.15 -35.70
N GLY A 193 1.87 0.34 -34.48
CA GLY A 193 1.36 -0.09 -33.19
C GLY A 193 2.17 -1.12 -32.42
N ILE A 194 3.21 -1.71 -33.00
CA ILE A 194 3.91 -2.81 -32.30
C ILE A 194 5.37 -2.53 -31.86
N LEU A 195 5.53 -1.41 -31.14
CA LEU A 195 6.83 -1.25 -30.50
C LEU A 195 6.56 -1.81 -29.10
N THR A 196 5.85 -1.07 -28.27
CA THR A 196 5.62 -1.47 -26.89
C THR A 196 4.25 -2.10 -26.74
N LEU A 197 4.29 -3.37 -26.36
CA LEU A 197 3.09 -4.14 -26.09
C LEU A 197 2.87 -4.12 -24.58
N SER A 198 1.61 -4.01 -24.18
CA SER A 198 1.21 -4.01 -22.78
C SER A 198 0.18 -5.11 -22.53
N CYS A 199 0.26 -5.68 -21.33
CA CYS A 199 -0.67 -6.67 -20.85
C CYS A 199 -1.07 -6.23 -19.45
N ARG A 200 -2.37 -6.07 -19.27
CA ARG A 200 -2.98 -5.65 -18.00
C ARG A 200 -4.00 -6.65 -17.48
N ALA A 201 -3.80 -7.06 -16.24
CA ALA A 201 -4.72 -7.94 -15.52
C ALA A 201 -5.46 -7.02 -14.57
N HIS A 202 -6.75 -6.82 -14.84
CA HIS A 202 -7.65 -5.95 -14.10
C HIS A 202 -8.57 -6.68 -13.11
N GLY A 203 -8.43 -6.37 -11.83
CA GLY A 203 -9.32 -6.84 -10.77
C GLY A 203 -9.23 -8.24 -10.22
N PHE A 204 -8.01 -8.71 -10.03
CA PHE A 204 -7.76 -10.04 -9.46
C PHE A 204 -7.61 -9.98 -7.95
N TYR A 205 -8.00 -11.10 -7.32
CA TYR A 205 -7.86 -11.38 -5.89
C TYR A 205 -7.75 -12.92 -5.75
N PRO A 206 -6.79 -13.46 -4.94
CA PRO A 206 -5.76 -12.80 -4.10
C PRO A 206 -4.64 -12.13 -4.92
N ARG A 207 -3.71 -11.49 -4.21
CA ARG A 207 -2.56 -10.76 -4.76
C ARG A 207 -1.56 -11.58 -5.62
N PRO A 208 -1.20 -12.84 -5.24
CA PRO A 208 -0.24 -13.61 -6.08
C PRO A 208 -0.70 -13.83 -7.52
N ILE A 209 0.17 -13.42 -8.44
CA ILE A 209 -0.05 -13.51 -9.88
C ILE A 209 1.31 -13.68 -10.58
N VAL A 210 1.27 -14.30 -11.76
CA VAL A 210 2.43 -14.44 -12.63
C VAL A 210 1.89 -13.98 -13.98
N VAL A 211 2.51 -12.92 -14.52
CA VAL A 211 2.16 -12.32 -15.81
C VAL A 211 3.45 -12.27 -16.62
N SER A 212 3.47 -13.05 -17.69
CA SER A 212 4.64 -13.16 -18.57
C SER A 212 4.29 -13.20 -20.07
N TRP A 213 5.31 -12.93 -20.86
CA TRP A 213 5.21 -12.90 -22.31
C TRP A 213 5.73 -14.18 -22.95
N LEU A 214 5.06 -14.53 -24.03
CA LEU A 214 5.41 -15.62 -24.92
C LEU A 214 5.50 -15.03 -26.32
N LYS A 215 6.57 -15.39 -27.03
CA LYS A 215 6.80 -15.00 -28.42
C LYS A 215 6.93 -16.33 -29.15
N ASP A 216 5.99 -16.58 -30.05
CA ASP A 216 5.86 -17.81 -30.83
C ASP A 216 5.81 -19.04 -29.90
N GLY A 217 5.08 -18.87 -28.78
CA GLY A 217 4.91 -19.88 -27.73
C GLY A 217 6.09 -20.16 -26.81
N ALA A 218 7.11 -19.30 -26.84
CA ALA A 218 8.30 -19.41 -25.99
C ALA A 218 8.41 -18.20 -25.07
N VAL A 219 8.73 -18.47 -23.80
CA VAL A 219 8.88 -17.46 -22.74
C VAL A 219 9.88 -16.37 -23.15
N ARG A 220 9.48 -15.12 -22.96
CA ARG A 220 10.33 -13.96 -23.23
C ARG A 220 10.37 -13.00 -22.05
N GLY A 221 11.52 -13.01 -21.40
CA GLY A 221 11.90 -12.10 -20.33
C GLY A 221 12.63 -10.89 -20.91
N GLN A 222 13.24 -11.04 -22.10
CA GLN A 222 14.03 -9.98 -22.75
C GLN A 222 13.13 -8.81 -23.15
N ASP A 223 13.56 -7.60 -22.75
CA ASP A 223 12.91 -6.30 -22.98
C ASP A 223 11.53 -6.17 -22.29
N ALA A 224 11.29 -7.01 -21.29
CA ALA A 224 10.05 -7.01 -20.50
C ALA A 224 10.20 -6.19 -19.22
N GLN A 225 9.15 -5.45 -18.87
CA GLN A 225 9.07 -4.61 -17.66
C GLN A 225 7.73 -4.83 -16.96
N SER A 226 7.75 -4.90 -15.63
CA SER A 226 6.56 -5.04 -14.79
C SER A 226 6.37 -3.81 -13.91
N GLY A 227 5.12 -3.38 -13.79
CA GLY A 227 4.73 -2.29 -12.90
C GLY A 227 4.45 -2.76 -11.49
N GLY A 228 4.58 -4.06 -11.24
CA GLY A 228 4.28 -4.68 -9.94
C GLY A 228 2.77 -4.76 -9.75
N ILE A 229 2.37 -5.04 -8.52
CA ILE A 229 0.96 -5.14 -8.14
C ILE A 229 0.57 -3.77 -7.59
N VAL A 230 -0.55 -3.26 -8.11
CA VAL A 230 -1.13 -1.95 -7.74
C VAL A 230 -2.61 -2.16 -7.32
N PRO A 231 -3.10 -1.39 -6.32
CA PRO A 231 -4.48 -1.63 -5.88
C PRO A 231 -5.60 -0.91 -6.64
N ASN A 232 -6.78 -1.51 -6.57
CA ASN A 232 -8.01 -0.93 -7.05
C ASN A 232 -8.74 -0.42 -5.80
N GLY A 233 -9.71 0.48 -5.98
CA GLY A 233 -10.55 1.00 -4.89
C GLY A 233 -11.38 -0.01 -4.11
N ASP A 234 -11.73 -1.13 -4.73
CA ASP A 234 -12.58 -2.21 -4.15
C ASP A 234 -11.88 -3.38 -3.44
N GLY A 235 -10.57 -3.26 -3.21
CA GLY A 235 -9.78 -4.32 -2.58
C GLY A 235 -9.15 -5.35 -3.51
N THR A 236 -9.51 -5.31 -4.80
CA THR A 236 -8.92 -6.17 -5.83
C THR A 236 -7.63 -5.50 -6.33
N TYR A 237 -6.87 -6.23 -7.15
CA TYR A 237 -5.57 -5.77 -7.65
C TYR A 237 -5.46 -5.62 -9.16
N HIS A 238 -4.44 -4.89 -9.56
CA HIS A 238 -4.09 -4.59 -10.94
C HIS A 238 -2.59 -4.82 -11.13
N THR A 239 -2.23 -5.30 -12.32
CA THR A 239 -0.81 -5.42 -12.69
C THR A 239 -0.68 -5.18 -14.19
N TRP A 240 0.40 -4.48 -14.55
CA TRP A 240 0.70 -4.21 -15.96
C TRP A 240 2.16 -4.54 -16.25
N VAL A 241 2.31 -5.26 -17.34
CA VAL A 241 3.58 -5.76 -17.85
C VAL A 241 3.69 -5.29 -19.31
N THR A 242 4.89 -4.89 -19.72
CA THR A 242 5.19 -4.49 -21.09
C THR A 242 6.36 -5.28 -21.64
N ILE A 243 6.46 -5.33 -22.98
CA ILE A 243 7.59 -5.90 -23.71
C ILE A 243 7.81 -5.01 -24.94
N ASP A 244 9.08 -4.77 -25.25
CA ASP A 244 9.49 -4.00 -26.41
C ASP A 244 9.76 -4.98 -27.53
N ALA A 245 8.94 -4.83 -28.56
CA ALA A 245 8.93 -5.65 -29.75
C ALA A 245 9.34 -4.87 -30.99
N GLN A 246 9.70 -5.57 -32.06
CA GLN A 246 10.03 -4.96 -33.35
C GLN A 246 8.70 -4.55 -33.99
N PRO A 247 8.62 -3.38 -34.69
CA PRO A 247 7.36 -3.00 -35.34
C PRO A 247 6.91 -4.07 -36.32
N GLY A 248 5.61 -4.38 -36.32
CA GLY A 248 5.04 -5.43 -37.18
C GLY A 248 5.03 -6.84 -36.60
N ASP A 249 5.53 -7.02 -35.39
CA ASP A 249 5.62 -8.32 -34.69
C ASP A 249 4.56 -8.61 -33.62
N GLY A 250 3.49 -7.82 -33.59
CA GLY A 250 2.40 -7.91 -32.61
C GLY A 250 1.67 -9.21 -32.42
N ASP A 251 1.49 -9.90 -33.54
CA ASP A 251 0.83 -11.21 -33.62
C ASP A 251 1.66 -12.39 -33.10
N LYS A 252 2.96 -12.16 -32.94
CA LYS A 252 3.90 -13.16 -32.40
C LYS A 252 3.79 -13.34 -30.88
N TYR A 253 3.31 -12.30 -30.20
CA TYR A 253 3.26 -12.27 -28.73
C TYR A 253 1.90 -12.59 -28.10
N GLN A 254 2.01 -13.29 -26.97
CA GLN A 254 0.90 -13.64 -26.09
C GLN A 254 1.31 -13.33 -24.67
N CYS A 255 0.31 -12.90 -23.90
CA CYS A 255 0.45 -12.63 -22.50
C CYS A 255 -0.13 -13.84 -21.78
N ARG A 256 0.65 -14.38 -20.84
CA ARG A 256 0.30 -15.54 -20.02
C ARG A 256 0.00 -15.05 -18.60
N VAL A 257 -1.19 -15.41 -18.11
CA VAL A 257 -1.67 -15.03 -16.78
C VAL A 257 -1.95 -16.29 -15.94
N GLU A 258 -1.18 -16.45 -14.87
CA GLU A 258 -1.30 -17.55 -13.91
C GLU A 258 -1.83 -16.95 -12.61
N HIS A 259 -3.03 -17.40 -12.23
CA HIS A 259 -3.74 -16.91 -11.04
C HIS A 259 -4.65 -17.99 -10.45
N ALA A 260 -4.88 -17.94 -9.14
CA ALA A 260 -5.73 -18.88 -8.37
C ALA A 260 -7.15 -19.04 -8.90
N SER A 261 -7.70 -17.93 -9.41
CA SER A 261 -9.04 -17.86 -10.00
C SER A 261 -9.14 -18.56 -11.36
N LEU A 262 -7.99 -18.91 -11.94
CA LEU A 262 -7.83 -19.56 -13.23
C LEU A 262 -7.30 -21.01 -13.05
N PRO A 263 -8.13 -22.03 -13.37
CA PRO A 263 -7.69 -23.45 -13.24
C PRO A 263 -6.45 -23.75 -14.09
N GLN A 264 -6.41 -23.18 -15.29
CA GLN A 264 -5.30 -23.27 -16.24
C GLN A 264 -4.83 -21.86 -16.61
N PRO A 265 -3.52 -21.66 -16.93
CA PRO A 265 -3.05 -20.32 -17.36
C PRO A 265 -3.82 -19.76 -18.55
N GLY A 266 -4.17 -18.48 -18.43
CA GLY A 266 -4.86 -17.74 -19.48
C GLY A 266 -3.83 -17.20 -20.46
N LEU A 267 -4.14 -17.33 -21.75
CA LEU A 267 -3.33 -16.82 -22.88
C LEU A 267 -4.14 -15.86 -23.71
N TYR A 268 -3.59 -14.65 -23.83
CA TYR A 268 -4.23 -13.50 -24.46
C TYR A 268 -3.32 -12.83 -25.49
N SER A 269 -3.94 -12.40 -26.59
CA SER A 269 -3.31 -11.73 -27.73
C SER A 269 -3.87 -10.32 -27.92
N TRP A 270 -3.12 -9.42 -28.58
CA TRP A 270 -3.56 -8.05 -28.87
C TRP A 270 -4.68 -8.13 -29.90
N ARG A 271 -5.89 -7.87 -29.42
CA ARG A 271 -7.16 -8.00 -30.15
C ARG A 271 -7.17 -9.41 -30.77
N SER A 272 -7.77 -9.57 -31.96
CA SER A 272 -7.72 -10.85 -32.68
C SER A 272 -7.17 -10.46 -34.06
N GLY A 273 -5.90 -10.81 -34.27
CA GLY A 273 -5.15 -10.51 -35.51
C GLY A 273 -4.54 -9.11 -35.60
N GLY A 274 -4.34 -8.47 -34.44
CA GLY A 274 -3.76 -7.14 -34.31
C GLY A 274 -2.25 -7.26 -34.38
N MET B 1 16.92 10.06 2.41
CA MET B 1 16.39 11.46 2.34
C MET B 1 15.83 11.76 0.94
N ASP B 2 14.55 12.16 0.95
CA ASP B 2 13.69 12.57 -0.19
C ASP B 2 13.73 11.64 -1.42
N LEU B 3 12.59 10.96 -1.60
CA LEU B 3 12.37 9.99 -2.68
C LEU B 3 11.16 10.40 -3.52
N THR B 4 11.34 10.29 -4.83
CA THR B 4 10.36 10.72 -5.84
C THR B 4 9.17 9.76 -5.98
N PRO B 5 7.93 10.27 -6.16
CA PRO B 5 6.82 9.32 -6.39
C PRO B 5 6.90 8.55 -7.72
N LYS B 6 6.55 7.27 -7.64
CA LYS B 6 6.46 6.33 -8.77
C LYS B 6 4.96 6.26 -9.02
N VAL B 7 4.54 6.72 -10.20
CA VAL B 7 3.12 6.87 -10.56
C VAL B 7 2.66 5.96 -11.71
N GLN B 8 1.49 5.37 -11.51
CA GLN B 8 0.79 4.53 -12.48
C GLN B 8 -0.67 4.95 -12.53
N VAL B 9 -1.14 5.13 -13.76
CA VAL B 9 -2.52 5.52 -14.09
C VAL B 9 -3.11 4.35 -14.89
N TYR B 10 -4.29 3.91 -14.45
CA TYR B 10 -5.00 2.72 -14.94
C TYR B 10 -6.48 2.74 -14.57
N SER B 11 -7.29 2.00 -15.34
CA SER B 11 -8.73 1.89 -15.09
C SER B 11 -9.01 0.59 -14.34
N ARG B 12 -10.08 0.61 -13.52
CA ARG B 12 -10.53 -0.55 -12.77
C ARG B 12 -10.80 -1.74 -13.70
N PHE B 13 -11.49 -1.47 -14.81
CA PHE B 13 -11.86 -2.45 -15.83
C PHE B 13 -11.22 -2.09 -17.16
N PRO B 14 -10.95 -3.09 -18.04
CA PRO B 14 -10.52 -2.73 -19.41
C PRO B 14 -11.62 -1.83 -19.96
N ALA B 15 -11.22 -0.66 -20.46
CA ALA B 15 -12.16 0.37 -20.89
C ALA B 15 -12.68 0.33 -22.32
N SER B 16 -13.85 0.93 -22.51
CA SER B 16 -14.49 1.15 -23.80
C SER B 16 -15.24 2.47 -23.62
N ALA B 17 -15.22 3.33 -24.65
CA ALA B 17 -15.91 4.61 -24.63
C ALA B 17 -17.41 4.39 -24.42
N GLY B 18 -17.96 5.04 -23.41
CA GLY B 18 -19.40 4.93 -23.06
C GLY B 18 -19.80 3.93 -21.98
N THR B 19 -18.83 3.17 -21.46
CA THR B 19 -19.06 2.19 -20.40
C THR B 19 -18.47 2.71 -19.10
N LYS B 20 -19.29 2.66 -18.04
CA LYS B 20 -18.95 3.06 -16.67
C LYS B 20 -17.73 2.29 -16.19
N ASN B 21 -16.84 3.04 -15.53
CA ASN B 21 -15.54 2.57 -15.08
C ASN B 21 -15.07 3.38 -13.88
N VAL B 22 -13.82 3.18 -13.45
CA VAL B 22 -13.19 3.88 -12.35
C VAL B 22 -11.75 4.16 -12.80
N LEU B 23 -11.33 5.42 -12.66
CA LEU B 23 -9.97 5.82 -13.01
C LEU B 23 -9.13 5.87 -11.74
N ASN B 24 -7.96 5.25 -11.82
CA ASN B 24 -7.03 5.13 -10.70
C ASN B 24 -5.69 5.78 -10.97
N CYS B 25 -5.16 6.41 -9.92
CA CYS B 25 -3.81 6.98 -9.93
C CYS B 25 -3.21 6.55 -8.61
N PHE B 26 -2.12 5.82 -8.73
CA PHE B 26 -1.37 5.28 -7.60
C PHE B 26 0.05 5.79 -7.60
N ALA B 27 0.40 6.44 -6.49
CA ALA B 27 1.73 6.98 -6.25
C ALA B 27 2.34 6.17 -5.12
N ALA B 28 3.58 5.72 -5.34
CA ALA B 28 4.33 4.90 -4.39
C ALA B 28 5.81 5.29 -4.33
N GLY B 29 6.51 4.75 -3.32
CA GLY B 29 7.93 4.96 -3.13
C GLY B 29 8.43 6.34 -2.70
N PHE B 30 7.53 7.21 -2.23
CA PHE B 30 7.92 8.59 -1.91
C PHE B 30 8.12 8.94 -0.42
N HIS B 31 8.90 10.00 -0.23
CA HIS B 31 9.21 10.64 1.04
C HIS B 31 9.58 12.11 0.76
N PRO B 32 9.00 13.08 1.50
CA PRO B 32 8.04 13.09 2.63
C PRO B 32 6.62 12.64 2.22
N PRO B 33 5.71 12.31 3.17
CA PRO B 33 4.36 11.86 2.76
C PRO B 33 3.44 12.91 2.11
N LYS B 34 3.67 14.21 2.29
CA LYS B 34 2.88 15.27 1.66
C LYS B 34 2.96 15.13 0.14
N ILE B 35 1.78 15.02 -0.48
CA ILE B 35 1.63 14.85 -1.93
C ILE B 35 0.27 15.38 -2.40
N SER B 36 0.29 15.93 -3.61
CA SER B 36 -0.90 16.40 -4.31
C SER B 36 -1.05 15.48 -5.52
N ILE B 37 -2.18 14.76 -5.56
CA ILE B 37 -2.52 13.82 -6.62
C ILE B 37 -3.88 14.26 -7.16
N THR B 38 -3.95 14.60 -8.44
CA THR B 38 -5.19 15.08 -9.07
C THR B 38 -5.52 14.38 -10.38
N LEU B 39 -6.67 13.72 -10.39
CA LEU B 39 -7.26 13.06 -11.55
C LEU B 39 -7.87 14.14 -12.42
N MET B 40 -7.51 14.14 -13.69
CA MET B 40 -7.94 15.14 -14.66
C MET B 40 -8.50 14.59 -15.97
N LYS B 41 -9.51 15.27 -16.48
CA LYS B 41 -10.12 15.03 -17.79
C LYS B 41 -9.86 16.32 -18.57
N ASP B 42 -9.08 16.18 -19.65
CA ASP B 42 -8.63 17.25 -20.56
C ASP B 42 -8.06 18.47 -19.80
N GLY B 43 -7.24 18.16 -18.79
CA GLY B 43 -6.59 19.12 -17.90
C GLY B 43 -7.40 19.77 -16.79
N VAL B 44 -8.66 19.34 -16.66
CA VAL B 44 -9.65 19.80 -15.67
C VAL B 44 -9.83 18.72 -14.59
N PRO B 45 -9.74 19.05 -13.27
CA PRO B 45 -9.96 18.07 -12.21
C PRO B 45 -11.35 17.39 -12.21
N MET B 46 -11.32 16.05 -12.12
CA MET B 46 -12.49 15.17 -12.12
C MET B 46 -13.22 15.23 -10.77
N GLU B 47 -14.56 15.17 -10.85
CA GLU B 47 -15.50 15.37 -9.73
C GLU B 47 -15.44 14.42 -8.52
N GLY B 48 -15.82 13.14 -8.64
CA GLY B 48 -15.91 12.24 -7.48
C GLY B 48 -14.71 11.53 -6.88
N ALA B 49 -13.56 12.20 -6.87
CA ALA B 49 -12.28 11.64 -6.41
C ALA B 49 -12.24 11.27 -4.93
N GLN B 50 -11.77 10.04 -4.69
CA GLN B 50 -11.61 9.46 -3.35
C GLN B 50 -10.12 9.18 -3.12
N TYR B 51 -9.65 9.57 -1.95
CA TYR B 51 -8.25 9.49 -1.54
C TYR B 51 -8.06 8.44 -0.45
N SER B 52 -7.11 7.53 -0.66
CA SER B 52 -6.76 6.48 0.31
C SER B 52 -6.07 7.16 1.50
N ASP B 53 -6.26 6.57 2.67
CA ASP B 53 -5.66 7.04 3.93
C ASP B 53 -4.16 6.74 3.87
N MET B 54 -3.35 7.65 4.41
CA MET B 54 -1.89 7.55 4.39
C MET B 54 -1.40 6.19 4.90
N SER B 55 -0.62 5.54 4.04
CA SER B 55 -0.05 4.21 4.20
C SER B 55 1.36 4.17 3.64
N PHE B 56 2.13 3.17 4.07
CA PHE B 56 3.51 2.96 3.66
C PHE B 56 3.87 1.47 3.55
N ASN B 57 4.96 1.20 2.83
CA ASN B 57 5.46 -0.17 2.58
C ASN B 57 6.63 -0.57 3.48
N ASP B 58 7.15 -1.80 3.30
CA ASP B 58 8.22 -2.38 4.14
C ASP B 58 9.56 -1.61 4.19
N ASP B 59 9.79 -0.72 3.21
CA ASP B 59 10.98 0.14 3.14
C ASP B 59 10.70 1.57 3.67
N TRP B 60 9.56 1.73 4.36
CA TRP B 60 9.04 2.96 5.00
C TRP B 60 8.50 4.02 4.02
N THR B 61 8.62 3.79 2.72
CA THR B 61 8.19 4.74 1.68
C THR B 61 6.66 4.74 1.58
N PHE B 62 6.10 5.94 1.41
CA PHE B 62 4.66 6.20 1.37
C PHE B 62 3.98 5.88 0.05
N GLN B 63 2.68 5.57 0.15
CA GLN B 63 1.84 5.25 -1.00
C GLN B 63 0.42 5.81 -0.84
N ARG B 64 -0.18 6.16 -1.97
CA ARG B 64 -1.56 6.66 -2.03
C ARG B 64 -2.23 6.31 -3.34
N LEU B 65 -3.45 5.83 -3.22
CA LEU B 65 -4.36 5.57 -4.32
C LEU B 65 -5.42 6.67 -4.31
N VAL B 66 -5.69 7.18 -5.51
CA VAL B 66 -6.73 8.16 -5.78
C VAL B 66 -7.60 7.50 -6.86
N HIS B 67 -8.91 7.49 -6.64
CA HIS B 67 -9.86 6.90 -7.61
C HIS B 67 -11.16 7.69 -7.74
N ALA B 68 -11.74 7.61 -8.93
CA ALA B 68 -13.00 8.28 -9.28
C ALA B 68 -13.77 7.55 -10.37
N ASP B 69 -15.07 7.39 -10.10
CA ASP B 69 -16.05 6.82 -11.03
C ASP B 69 -16.07 7.71 -12.27
N PHE B 70 -16.08 7.10 -13.45
CA PHE B 70 -16.13 7.85 -14.71
C PHE B 70 -16.61 6.97 -15.85
N THR B 71 -17.11 7.64 -16.89
CA THR B 71 -17.54 7.03 -18.12
C THR B 71 -16.56 7.65 -19.13
N PRO B 72 -15.51 6.91 -19.56
CA PRO B 72 -14.58 7.45 -20.56
C PRO B 72 -15.24 7.79 -21.88
N SER B 73 -14.84 8.95 -22.41
CA SER B 73 -15.31 9.41 -23.71
C SER B 73 -14.12 9.33 -24.66
N SER B 74 -14.43 8.95 -25.90
CA SER B 74 -13.47 8.85 -27.00
C SER B 74 -12.97 10.25 -27.35
N GLY B 75 -11.67 10.36 -27.55
CA GLY B 75 -11.01 11.64 -27.86
C GLY B 75 -10.52 12.47 -26.69
N SER B 76 -11.03 12.17 -25.49
CA SER B 76 -10.64 12.84 -24.25
C SER B 76 -9.33 12.29 -23.72
N THR B 77 -8.49 13.18 -23.18
CA THR B 77 -7.24 12.83 -22.53
C THR B 77 -7.50 12.83 -21.03
N TYR B 78 -7.23 11.69 -20.40
CA TYR B 78 -7.35 11.51 -18.96
C TYR B 78 -5.92 11.43 -18.45
N ALA B 79 -5.72 12.04 -17.29
CA ALA B 79 -4.41 12.19 -16.68
C ALA B 79 -4.43 12.30 -15.16
N CYS B 80 -3.24 12.09 -14.59
CA CYS B 80 -2.99 12.26 -13.17
C CYS B 80 -1.83 13.23 -13.00
N LYS B 81 -2.13 14.35 -12.34
CA LYS B 81 -1.21 15.44 -12.01
C LYS B 81 -0.67 15.19 -10.61
N VAL B 82 0.65 15.04 -10.52
CA VAL B 82 1.36 14.77 -9.26
C VAL B 82 2.34 15.90 -8.95
N GLU B 83 2.21 16.42 -7.73
CA GLU B 83 3.05 17.48 -7.16
C GLU B 83 3.63 16.91 -5.87
N HIS B 84 4.95 17.01 -5.78
CA HIS B 84 5.76 16.55 -4.66
C HIS B 84 7.01 17.41 -4.55
N GLU B 85 7.53 17.62 -3.32
CA GLU B 85 8.69 18.49 -3.05
C GLU B 85 10.00 18.07 -3.77
N THR B 86 10.12 16.78 -4.13
CA THR B 86 11.26 16.22 -4.86
C THR B 86 11.26 16.59 -6.35
N LEU B 87 10.10 17.04 -6.82
CA LEU B 87 9.83 17.41 -8.21
C LEU B 87 9.84 18.92 -8.38
N LYS B 88 10.58 19.33 -9.40
CA LYS B 88 10.80 20.72 -9.82
C LYS B 88 9.51 21.46 -10.19
N GLU B 89 8.64 20.72 -10.86
CA GLU B 89 7.33 21.13 -11.40
C GLU B 89 6.35 19.94 -11.35
N PRO B 90 5.00 20.18 -11.37
CA PRO B 90 4.05 19.07 -11.46
C PRO B 90 4.34 18.09 -12.62
N GLN B 91 4.18 16.79 -12.35
CA GLN B 91 4.37 15.73 -13.35
C GLN B 91 2.99 15.22 -13.74
N VAL B 92 2.76 15.12 -15.05
CA VAL B 92 1.46 14.70 -15.59
C VAL B 92 1.61 13.34 -16.29
N TYR B 93 0.85 12.38 -15.77
CA TYR B 93 0.83 10.99 -16.21
C TYR B 93 -0.48 10.68 -16.92
N LYS B 94 -0.38 10.59 -18.25
CA LYS B 94 -1.51 10.33 -19.15
C LYS B 94 -1.98 8.89 -19.07
N TRP B 95 -3.30 8.73 -19.00
CA TRP B 95 -3.94 7.41 -19.05
C TRP B 95 -4.00 6.96 -20.51
N ASP B 96 -3.65 5.69 -20.70
CA ASP B 96 -3.72 4.98 -21.97
C ASP B 96 -5.10 4.32 -21.93
N PRO B 97 -6.06 4.80 -22.75
CA PRO B 97 -7.41 4.21 -22.74
C PRO B 97 -7.46 2.76 -23.23
N GLU B 98 -6.54 2.40 -24.12
CA GLU B 98 -6.38 1.06 -24.73
C GLU B 98 -7.64 0.62 -25.49
N PHE B 99 -8.21 1.57 -26.22
CA PHE B 99 -9.34 1.39 -27.15
C PHE B 99 -9.15 2.35 -28.32
N GLY C 1 -5.70 -6.92 17.35
CA GLY C 1 -5.78 -5.70 18.19
C GLY C 1 -4.40 -5.15 18.43
N HIS C 2 -4.37 -3.83 18.67
CA HIS C 2 -3.16 -3.10 19.05
C HIS C 2 -2.72 -3.58 20.43
N ALA C 3 -1.42 -3.49 20.70
CA ALA C 3 -0.88 -3.79 22.02
C ALA C 3 -1.41 -2.73 22.96
N GLU C 4 -1.80 -3.15 24.15
CA GLU C 4 -2.38 -2.22 25.14
C GLU C 4 -1.35 -1.15 25.53
N GLU C 5 -0.09 -1.58 25.62
CA GLU C 5 1.01 -0.70 26.02
C GLU C 5 1.54 0.21 24.88
N TYR C 6 0.84 1.33 24.67
CA TYR C 6 1.24 2.37 23.73
C TYR C 6 2.53 3.09 24.16
N GLY C 7 2.91 2.90 25.44
CA GLY C 7 4.15 3.40 26.03
C GLY C 7 5.37 2.76 25.38
N ALA C 8 5.23 1.58 24.78
CA ALA C 8 6.30 0.88 24.05
C ALA C 8 6.66 1.61 22.72
N GLU C 9 5.97 2.71 22.44
CA GLU C 9 6.24 3.61 21.29
C GLU C 9 7.04 4.86 21.68
N THR C 10 7.46 4.91 22.95
CA THR C 10 8.29 5.95 23.55
C THR C 10 9.68 5.99 22.90
N LEU C 11 10.00 7.16 22.35
CA LEU C 11 11.31 7.43 21.74
C LEU C 11 12.05 8.50 22.56
#